data_2DDQ
#
_entry.id   2DDQ
#
_cell.length_a   127.318
_cell.length_b   65.794
_cell.length_c   64.310
_cell.angle_alpha   90.00
_cell.angle_beta   118.77
_cell.angle_gamma   90.00
#
_symmetry.space_group_name_H-M   'C 1 2 1'
#
loop_
_entity.id
_entity.type
_entity.pdbx_description
1 polymer 'R310 antibody heavy chain'
2 polymer 'R310 antibody light chain'
3 non-polymer '4-(2-HYDROXYETHYL)-1-PIPERAZINE ETHANESULFONIC ACID'
4 non-polymer N-ACETYL-1-[(2R,3S,5R)-5-HYDROXY-2-PENTYLTETRAHYDROFURAN-3-YL]-L-HISTIDINE
5 water water
#
loop_
_entity_poly.entity_id
_entity_poly.type
_entity_poly.pdbx_seq_one_letter_code
_entity_poly.pdbx_strand_id
1 'polypeptide(L)'
;KVKLQESGPELVKPGASVKMSCKASGYTFTSYVMHWVKQKPGQGLEWIGYINPYNDGTKYNEKFKGKATLTSDKSSSTAY
MELSSLTSEDSAVYYCAPYGGYWGQGTTVTVSSAKTTAPSVYPLAPVCGDTTGSSVTLGCLVKGYFPEPVTLTWNSGSLS
SGVHTFPAVLQSDLYTLSSSVTVTSSTWPSQSITCNVAHPASSTKVDKKIEPR
;
H
2 'polypeptide(L)'
;DVLMTQTPLSLPVSLGDQASISCRSSQSIVHSNGNTYLEWYLQKPGQSPKLLIYKVSNRFSGVPDRFSGSGSGTDFTLKI
SRVEAEDLGVYYCFQGSHVPLTFGAGTKLELKRADAAPTVSIFPPSSEQLTSGGASVVCFLNNFYPKDINVKWKIDGSER
QNGVLNSWTDQDSKDSTYSMSSTLTLTKDEYERHNSYTCEATHKTSTSPIVKSFNRNE
;
L
#
# COMPACT_ATOMS: atom_id res chain seq x y z
N LYS A 1 8.99 -18.98 -23.73
CA LYS A 1 7.83 -18.46 -22.96
C LYS A 1 7.53 -17.00 -23.30
N VAL A 2 6.31 -16.56 -23.02
CA VAL A 2 5.90 -15.19 -23.27
C VAL A 2 6.59 -14.31 -22.24
N LYS A 3 7.25 -13.26 -22.71
CA LYS A 3 7.94 -12.34 -21.81
C LYS A 3 7.65 -10.90 -22.19
N LEU A 4 7.40 -10.07 -21.18
CA LEU A 4 7.10 -8.67 -21.38
C LEU A 4 8.07 -7.83 -20.55
N GLN A 5 9.02 -7.21 -21.23
CA GLN A 5 10.04 -6.39 -20.58
C GLN A 5 9.69 -4.92 -20.53
N GLU A 6 9.44 -4.38 -19.33
CA GLU A 6 9.11 -2.98 -19.22
C GLU A 6 10.29 -2.17 -18.71
N SER A 7 10.34 -0.91 -19.14
CA SER A 7 11.40 -0.01 -18.76
C SER A 7 11.50 0.29 -17.25
N GLY A 8 12.71 0.61 -16.81
CA GLY A 8 12.97 0.90 -15.40
C GLY A 8 12.14 2.02 -14.81
N PRO A 9 12.19 2.16 -13.48
CA PRO A 9 11.45 3.18 -12.71
C PRO A 9 11.77 4.60 -13.17
N GLU A 10 10.75 5.44 -13.20
CA GLU A 10 10.93 6.80 -13.64
C GLU A 10 10.66 7.82 -12.55
N LEU A 11 11.64 8.68 -12.29
CA LEU A 11 11.46 9.74 -11.30
C LEU A 11 11.44 11.01 -12.13
N VAL A 12 10.25 11.52 -12.39
CA VAL A 12 10.11 12.71 -13.23
C VAL A 12 9.44 13.93 -12.59
N LYS A 13 9.62 15.08 -13.24
CA LYS A 13 9.09 16.35 -12.77
C LYS A 13 7.66 16.63 -13.18
N PRO A 14 6.89 17.32 -12.31
CA PRO A 14 5.50 17.64 -12.62
C PRO A 14 5.51 18.52 -13.86
N GLY A 15 4.51 18.37 -14.73
CA GLY A 15 4.43 19.16 -15.93
C GLY A 15 5.14 18.61 -17.16
N ALA A 16 6.12 17.74 -16.94
CA ALA A 16 6.85 17.15 -18.05
C ALA A 16 6.18 15.88 -18.56
N SER A 17 6.89 15.13 -19.39
CA SER A 17 6.38 13.88 -19.95
C SER A 17 7.34 12.74 -19.67
N VAL A 18 6.85 11.52 -19.92
CA VAL A 18 7.63 10.30 -19.75
C VAL A 18 7.05 9.25 -20.72
N LYS A 19 7.91 8.42 -21.29
CA LYS A 19 7.49 7.42 -22.25
C LYS A 19 8.09 6.07 -21.89
N MET A 20 7.23 5.12 -21.50
CA MET A 20 7.74 3.83 -21.11
C MET A 20 7.62 2.84 -22.24
N SER A 21 8.43 1.80 -22.18
CA SER A 21 8.41 0.78 -23.22
C SER A 21 8.05 -0.57 -22.67
N CYS A 22 7.52 -1.41 -23.55
CA CYS A 22 7.11 -2.77 -23.21
C CYS A 22 7.59 -3.65 -24.36
N LYS A 23 8.71 -4.33 -24.18
CA LYS A 23 9.26 -5.18 -25.23
C LYS A 23 8.79 -6.63 -25.12
N ALA A 24 8.10 -7.06 -26.16
CA ALA A 24 7.56 -8.40 -26.20
C ALA A 24 8.46 -9.39 -26.92
N SER A 25 8.50 -10.60 -26.38
CA SER A 25 9.27 -11.70 -26.95
C SER A 25 8.51 -12.96 -26.55
N GLY A 26 8.79 -14.06 -27.25
CA GLY A 26 8.14 -15.33 -26.92
C GLY A 26 6.84 -15.63 -27.65
N TYR A 27 6.35 -14.67 -28.44
CA TYR A 27 5.11 -14.87 -29.20
C TYR A 27 5.08 -13.87 -30.34
N THR A 28 4.05 -13.93 -31.17
CA THR A 28 3.94 -13.01 -32.30
C THR A 28 3.26 -11.70 -31.91
N PHE A 29 4.09 -10.69 -31.65
CA PHE A 29 3.64 -9.36 -31.26
C PHE A 29 2.34 -8.87 -31.90
N THR A 30 2.20 -9.03 -33.21
CA THR A 30 1.00 -8.58 -33.89
C THR A 30 -0.24 -9.47 -33.76
N SER A 31 -0.12 -10.57 -33.02
CA SER A 31 -1.24 -11.49 -32.83
C SER A 31 -2.19 -11.06 -31.68
N TYR A 32 -1.81 -10.03 -30.94
CA TYR A 32 -2.64 -9.53 -29.84
C TYR A 32 -2.45 -8.03 -29.70
N VAL A 33 -3.44 -7.36 -29.12
CA VAL A 33 -3.31 -5.93 -28.89
C VAL A 33 -2.39 -5.87 -27.67
N MET A 34 -2.13 -4.69 -27.14
CA MET A 34 -1.30 -4.59 -25.94
C MET A 34 -2.05 -3.63 -25.04
N HIS A 35 -2.57 -4.14 -23.92
CA HIS A 35 -3.32 -3.32 -22.97
C HIS A 35 -2.39 -2.70 -21.95
N TRP A 36 -2.81 -1.58 -21.37
CA TRP A 36 -2.06 -0.90 -20.34
C TRP A 36 -2.97 -0.69 -19.13
N VAL A 37 -2.42 -0.98 -17.96
CA VAL A 37 -3.17 -0.89 -16.72
C VAL A 37 -2.42 -0.02 -15.72
N LYS A 38 -3.16 0.86 -15.07
CA LYS A 38 -2.61 1.76 -14.07
C LYS A 38 -3.02 1.34 -12.67
N GLN A 39 -2.08 1.43 -11.73
CA GLN A 39 -2.36 1.09 -10.35
C GLN A 39 -1.68 2.08 -9.40
N LYS A 40 -2.49 2.89 -8.71
CA LYS A 40 -1.94 3.85 -7.76
C LYS A 40 -1.66 3.08 -6.48
N PRO A 41 -0.42 3.18 -5.97
CA PRO A 41 0.05 2.50 -4.75
C PRO A 41 -1.03 2.24 -3.72
N GLY A 42 -1.14 0.96 -3.32
CA GLY A 42 -2.11 0.54 -2.32
C GLY A 42 -3.57 0.62 -2.74
N GLN A 43 -3.82 0.87 -4.03
CA GLN A 43 -5.20 0.96 -4.49
C GLN A 43 -5.56 0.11 -5.71
N GLY A 44 -6.74 0.36 -6.26
CA GLY A 44 -7.25 -0.39 -7.40
C GLY A 44 -6.50 -0.41 -8.71
N LEU A 45 -7.11 -1.09 -9.69
CA LEU A 45 -6.57 -1.25 -11.03
C LEU A 45 -7.45 -0.52 -12.05
N GLU A 46 -6.81 0.13 -13.03
CA GLU A 46 -7.55 0.85 -14.07
C GLU A 46 -7.04 0.53 -15.46
N TRP A 47 -7.97 0.21 -16.36
CA TRP A 47 -7.60 -0.10 -17.73
C TRP A 47 -7.45 1.24 -18.45
N ILE A 48 -6.24 1.51 -18.96
CA ILE A 48 -5.95 2.76 -19.66
C ILE A 48 -6.43 2.70 -21.10
N GLY A 49 -6.21 1.56 -21.74
CA GLY A 49 -6.62 1.38 -23.12
C GLY A 49 -5.69 0.38 -23.80
N TYR A 50 -5.74 0.32 -25.13
CA TYR A 50 -4.87 -0.60 -25.86
C TYR A 50 -4.50 -0.13 -27.26
N ILE A 51 -3.45 -0.71 -27.82
CA ILE A 51 -2.99 -0.41 -29.17
C ILE A 51 -2.92 -1.74 -29.91
N ASN A 52 -3.40 -1.79 -31.15
CA ASN A 52 -3.33 -3.01 -31.94
C ASN A 52 -2.08 -2.83 -32.83
N PRO A 53 -0.96 -3.52 -32.51
CA PRO A 53 0.27 -3.40 -33.29
C PRO A 53 0.13 -3.61 -34.79
N TYR A 54 -0.79 -4.49 -35.19
CA TYR A 54 -1.01 -4.79 -36.60
C TYR A 54 -1.38 -3.62 -37.48
N ASN A 55 -2.32 -2.80 -37.04
CA ASN A 55 -2.73 -1.66 -37.85
C ASN A 55 -2.64 -0.35 -37.08
N ASP A 56 -1.93 -0.38 -35.95
CA ASP A 56 -1.76 0.78 -35.11
C ASP A 56 -3.07 1.34 -34.57
N GLY A 57 -4.12 0.52 -34.61
CA GLY A 57 -5.42 0.96 -34.12
C GLY A 57 -5.41 1.09 -32.61
N THR A 58 -6.09 2.11 -32.09
CA THR A 58 -6.14 2.31 -30.64
C THR A 58 -7.58 2.49 -30.14
N LYS A 59 -7.73 2.28 -28.83
CA LYS A 59 -8.98 2.42 -28.09
C LYS A 59 -8.55 2.90 -26.70
N TYR A 60 -9.06 4.06 -26.29
CA TYR A 60 -8.71 4.62 -24.99
C TYR A 60 -9.91 4.72 -24.04
N ASN A 61 -9.62 4.65 -22.75
CA ASN A 61 -10.65 4.89 -21.74
C ASN A 61 -10.78 6.44 -21.72
N GLU A 62 -11.98 6.93 -21.98
CA GLU A 62 -12.20 8.39 -21.98
C GLU A 62 -11.51 9.11 -20.86
N LYS A 63 -11.39 8.58 -19.69
CA LYS A 63 -10.63 9.09 -18.58
C LYS A 63 -9.14 9.35 -18.90
N PHE A 64 -8.55 8.67 -19.86
CA PHE A 64 -7.13 8.84 -20.17
C PHE A 64 -6.81 9.46 -21.54
N LYS A 65 -7.85 9.89 -22.25
CA LYS A 65 -7.63 10.53 -23.55
C LYS A 65 -6.84 11.81 -23.29
N GLY A 66 -5.81 12.04 -24.08
CA GLY A 66 -5.02 13.24 -23.92
C GLY A 66 -3.93 13.11 -22.87
N LYS A 67 -4.15 12.27 -21.86
CA LYS A 67 -3.17 12.07 -20.81
C LYS A 67 -2.17 11.00 -21.24
N ALA A 68 -2.70 9.93 -21.82
CA ALA A 68 -1.86 8.82 -22.29
C ALA A 68 -1.92 8.71 -23.82
N THR A 69 -0.80 8.31 -24.41
CA THR A 69 -0.72 8.12 -25.86
C THR A 69 -0.05 6.79 -26.13
N LEU A 70 -0.76 5.88 -26.77
CA LEU A 70 -0.19 4.56 -27.03
C LEU A 70 0.37 4.43 -28.45
N THR A 71 1.59 3.90 -28.56
CA THR A 71 2.21 3.71 -29.86
C THR A 71 2.85 2.34 -29.87
N SER A 72 3.23 1.87 -31.05
CA SER A 72 3.83 0.55 -31.16
C SER A 72 4.83 0.47 -32.32
N ASP A 73 5.84 -0.38 -32.16
CA ASP A 73 6.86 -0.53 -33.21
C ASP A 73 7.00 -2.00 -33.65
N LYS A 74 6.49 -2.32 -34.82
CA LYS A 74 6.56 -3.69 -35.33
C LYS A 74 7.98 -4.22 -35.56
N SER A 75 8.89 -3.33 -35.94
CA SER A 75 10.25 -3.75 -36.22
C SER A 75 10.97 -4.34 -35.00
N SER A 76 10.57 -3.94 -33.81
CA SER A 76 11.21 -4.45 -32.60
C SER A 76 10.24 -5.09 -31.60
N SER A 77 8.99 -5.30 -32.00
CA SER A 77 8.00 -5.89 -31.09
C SER A 77 8.04 -5.14 -29.74
N THR A 78 7.84 -3.83 -29.80
CA THR A 78 7.88 -2.99 -28.62
C THR A 78 6.74 -1.99 -28.63
N ALA A 79 5.96 -1.97 -27.55
CA ALA A 79 4.85 -1.04 -27.44
C ALA A 79 5.30 0.06 -26.48
N TYR A 80 4.76 1.25 -26.68
CA TYR A 80 5.13 2.37 -25.83
C TYR A 80 3.90 3.10 -25.34
N MET A 81 4.05 3.75 -24.18
CA MET A 81 2.99 4.56 -23.61
C MET A 81 3.61 5.86 -23.14
N GLU A 82 3.03 6.98 -23.58
CA GLU A 82 3.53 8.29 -23.20
C GLU A 82 2.52 9.09 -22.37
N LEU A 83 2.95 9.50 -21.18
CA LEU A 83 2.10 10.28 -20.29
C LEU A 83 2.52 11.74 -20.38
N SER A 84 1.59 12.60 -20.75
CA SER A 84 1.90 14.02 -20.87
C SER A 84 1.37 14.83 -19.68
N SER A 85 2.02 15.94 -19.39
CA SER A 85 1.63 16.85 -18.31
C SER A 85 1.47 16.16 -16.96
N LEU A 86 2.49 15.42 -16.56
CA LEU A 86 2.45 14.69 -15.31
C LEU A 86 2.07 15.55 -14.10
N THR A 87 1.50 14.88 -13.12
CA THR A 87 1.09 15.47 -11.84
C THR A 87 1.26 14.31 -10.87
N SER A 88 1.21 14.58 -9.57
CA SER A 88 1.38 13.49 -8.62
C SER A 88 0.28 12.45 -8.81
N GLU A 89 -0.80 12.83 -9.48
CA GLU A 89 -1.88 11.88 -9.70
C GLU A 89 -1.47 10.77 -10.65
N ASP A 90 -0.47 11.05 -11.50
CA ASP A 90 0.01 10.05 -12.45
C ASP A 90 1.06 9.12 -11.83
N SER A 91 1.47 9.39 -10.60
CA SER A 91 2.43 8.52 -9.94
C SER A 91 1.68 7.21 -9.72
N ALA A 92 2.29 6.12 -10.14
CA ALA A 92 1.72 4.78 -10.01
C ALA A 92 2.55 3.78 -10.79
N VAL A 93 2.11 2.53 -10.79
CA VAL A 93 2.80 1.48 -11.50
C VAL A 93 1.99 1.15 -12.77
N TYR A 94 2.66 1.19 -13.92
CA TYR A 94 1.98 0.90 -15.18
C TYR A 94 2.39 -0.46 -15.71
N TYR A 95 1.40 -1.20 -16.16
CA TYR A 95 1.64 -2.53 -16.70
C TYR A 95 1.18 -2.61 -18.12
N CYS A 96 1.75 -3.54 -18.87
CA CYS A 96 1.34 -3.77 -20.23
C CYS A 96 0.99 -5.23 -20.23
N ALA A 97 0.08 -5.63 -21.10
CA ALA A 97 -0.31 -7.02 -21.16
C ALA A 97 -1.04 -7.31 -22.44
N PRO A 98 -0.59 -8.32 -23.18
CA PRO A 98 -1.23 -8.70 -24.44
C PRO A 98 -2.60 -9.36 -24.17
N TYR A 99 -2.74 -10.00 -23.01
CA TYR A 99 -4.01 -10.62 -22.62
C TYR A 99 -3.91 -10.96 -21.14
N GLY A 100 -5.02 -11.33 -20.52
CA GLY A 100 -5.02 -11.62 -19.10
C GLY A 100 -3.95 -12.52 -18.48
N GLY A 101 -3.51 -13.53 -19.21
CA GLY A 101 -2.52 -14.45 -18.68
C GLY A 101 -1.08 -13.99 -18.54
N TYR A 102 -0.69 -12.93 -19.25
CA TYR A 102 0.70 -12.45 -19.16
C TYR A 102 0.85 -10.95 -19.05
N TRP A 103 1.31 -10.50 -17.88
CA TRP A 103 1.52 -9.08 -17.59
C TRP A 103 3.00 -8.77 -17.44
N GLY A 104 3.39 -7.54 -17.75
CA GLY A 104 4.78 -7.16 -17.60
C GLY A 104 5.02 -6.94 -16.11
N GLN A 105 6.27 -6.71 -15.71
CA GLN A 105 6.60 -6.50 -14.30
C GLN A 105 6.18 -5.09 -13.85
N GLY A 106 5.72 -4.26 -14.78
CA GLY A 106 5.31 -2.92 -14.42
C GLY A 106 6.43 -1.88 -14.36
N THR A 107 6.06 -0.63 -14.61
CA THR A 107 6.98 0.49 -14.58
C THR A 107 6.49 1.52 -13.57
N THR A 108 7.29 1.79 -12.54
CA THR A 108 6.90 2.75 -11.51
C THR A 108 7.25 4.16 -11.91
N VAL A 109 6.25 5.02 -11.87
CA VAL A 109 6.44 6.41 -12.19
C VAL A 109 6.16 7.22 -10.93
N THR A 110 7.13 8.04 -10.54
CA THR A 110 7.01 8.90 -9.38
C THR A 110 7.12 10.33 -9.90
N VAL A 111 6.04 11.09 -9.77
CA VAL A 111 5.99 12.48 -10.21
C VAL A 111 6.25 13.40 -9.00
N SER A 112 7.44 13.98 -8.95
CA SER A 112 7.83 14.86 -7.84
C SER A 112 8.93 15.86 -8.21
N SER A 113 8.96 16.99 -7.51
CA SER A 113 9.94 18.03 -7.76
C SER A 113 11.11 18.00 -6.76
N ALA A 114 11.07 17.07 -5.81
CA ALA A 114 12.09 16.96 -4.76
C ALA A 114 13.48 16.48 -5.17
N LYS A 115 14.46 16.86 -4.35
CA LYS A 115 15.84 16.47 -4.57
C LYS A 115 16.23 15.50 -3.47
N THR A 116 17.26 14.70 -3.71
CA THR A 116 17.71 13.73 -2.72
C THR A 116 17.92 14.51 -1.44
N THR A 117 17.36 14.01 -0.35
CA THR A 117 17.48 14.66 0.95
C THR A 117 17.57 13.58 1.99
N ALA A 118 18.64 13.61 2.79
CA ALA A 118 18.82 12.61 3.83
C ALA A 118 17.77 12.88 4.92
N PRO A 119 17.33 11.83 5.60
CA PRO A 119 16.34 11.92 6.68
C PRO A 119 16.83 12.45 8.01
N SER A 120 15.92 12.98 8.81
CA SER A 120 16.22 13.47 10.14
C SER A 120 15.74 12.30 11.00
N VAL A 121 16.56 11.82 11.92
CA VAL A 121 16.17 10.69 12.75
C VAL A 121 16.09 11.02 14.24
N TYR A 122 14.91 10.85 14.82
CA TYR A 122 14.72 11.15 16.23
C TYR A 122 14.28 9.93 17.03
N PRO A 123 14.91 9.71 18.20
CA PRO A 123 14.62 8.58 19.09
C PRO A 123 13.32 8.87 19.86
N LEU A 124 12.50 7.85 20.10
CA LEU A 124 11.25 8.06 20.83
C LEU A 124 11.20 7.28 22.13
N ALA A 125 11.56 7.94 23.23
CA ALA A 125 11.56 7.35 24.55
C ALA A 125 10.19 7.57 25.18
N PRO A 126 9.79 6.71 26.14
CA PRO A 126 8.49 6.84 26.80
C PRO A 126 8.42 8.08 27.69
N VAL A 127 7.19 8.51 27.97
CA VAL A 127 6.93 9.65 28.84
C VAL A 127 7.44 9.29 30.24
N CYS A 128 8.09 10.24 30.90
CA CYS A 128 8.60 10.04 32.26
C CYS A 128 7.53 9.40 33.17
N GLY A 129 7.93 8.39 33.97
CA GLY A 129 6.97 7.76 34.89
C GLY A 129 7.46 6.58 35.73
N THR A 132 6.07 2.36 36.41
CA THR A 132 6.30 1.73 35.09
C THR A 132 5.58 0.41 35.09
N GLY A 133 5.14 -0.06 33.93
CA GLY A 133 4.59 -1.39 33.76
C GLY A 133 5.66 -2.43 33.50
N SER A 134 5.41 -3.57 32.98
CA SER A 134 6.38 -4.62 32.74
C SER A 134 6.84 -4.71 31.28
N SER A 135 6.20 -3.98 30.37
CA SER A 135 6.56 -3.96 28.95
C SER A 135 6.69 -2.51 28.53
N VAL A 136 7.76 -2.21 27.78
CA VAL A 136 7.97 -0.87 27.31
C VAL A 136 7.95 -0.86 25.78
N THR A 137 7.41 0.21 25.21
CA THR A 137 7.37 0.37 23.76
C THR A 137 8.22 1.58 23.45
N LEU A 138 9.22 1.38 22.59
CA LEU A 138 10.12 2.46 22.21
C LEU A 138 9.93 2.74 20.72
N GLY A 139 10.25 3.95 20.29
CA GLY A 139 10.08 4.28 18.90
C GLY A 139 11.22 5.03 18.28
N CYS A 140 11.14 5.17 16.96
CA CYS A 140 12.16 5.87 16.18
C CYS A 140 11.42 6.51 15.03
N LEU A 141 11.56 7.83 14.85
CA LEU A 141 10.87 8.50 13.76
C LEU A 141 11.85 9.15 12.76
N VAL A 142 11.72 8.74 11.49
CA VAL A 142 12.57 9.24 10.42
C VAL A 142 11.70 10.19 9.60
N LYS A 143 12.15 11.44 9.53
CA LYS A 143 11.34 12.45 8.85
C LYS A 143 12.02 13.02 7.62
N GLY A 144 11.24 13.67 6.78
CA GLY A 144 11.61 14.37 5.60
C GLY A 144 12.80 13.90 4.83
N TYR A 145 12.73 12.69 4.26
CA TYR A 145 13.77 12.18 3.35
C TYR A 145 13.22 12.05 1.90
N PHE A 146 14.13 11.86 0.94
CA PHE A 146 13.75 11.68 -0.46
C PHE A 146 14.97 11.31 -1.30
N PRO A 147 14.80 10.36 -2.24
CA PRO A 147 13.55 9.65 -2.51
C PRO A 147 13.45 8.43 -1.60
N GLU A 148 12.50 7.56 -1.86
CA GLU A 148 12.38 6.33 -1.08
C GLU A 148 13.46 5.39 -1.61
N PRO A 149 13.84 4.35 -0.84
CA PRO A 149 13.32 4.04 0.49
C PRO A 149 14.44 4.22 1.50
N VAL A 150 14.18 3.76 2.71
CA VAL A 150 15.17 3.80 3.77
C VAL A 150 15.01 2.43 4.40
N THR A 151 16.03 1.96 5.08
CA THR A 151 15.95 0.67 5.73
C THR A 151 16.25 0.91 7.21
N LEU A 152 15.32 0.49 8.06
CA LEU A 152 15.47 0.68 9.50
C LEU A 152 15.58 -0.67 10.20
N THR A 153 16.43 -0.72 11.22
CA THR A 153 16.62 -1.95 11.97
C THR A 153 16.82 -1.57 13.42
N TRP A 154 16.72 -2.54 14.31
CA TRP A 154 16.92 -2.30 15.73
C TRP A 154 18.12 -3.14 16.17
N ASN A 155 19.08 -2.49 16.84
CA ASN A 155 20.29 -3.16 17.28
C ASN A 155 20.93 -3.96 16.14
N SER A 156 20.92 -3.35 14.96
CA SER A 156 21.49 -3.93 13.74
C SER A 156 20.76 -5.12 13.14
N GLY A 157 19.64 -5.52 13.74
CA GLY A 157 18.89 -6.65 13.22
C GLY A 157 18.77 -7.78 14.21
N SER A 158 19.40 -7.64 15.36
CA SER A 158 19.35 -8.65 16.41
C SER A 158 17.96 -8.66 16.98
N LEU A 159 17.52 -7.49 17.45
CA LEU A 159 16.19 -7.32 18.03
C LEU A 159 15.21 -7.12 16.88
N SER A 160 14.49 -8.18 16.53
CA SER A 160 13.54 -8.14 15.44
C SER A 160 12.14 -8.61 15.81
N SER A 161 11.95 -9.03 17.05
CA SER A 161 10.64 -9.48 17.50
C SER A 161 9.89 -8.30 18.13
N GLY A 162 8.57 -8.33 18.06
CA GLY A 162 7.78 -7.26 18.63
C GLY A 162 8.08 -5.91 17.99
N VAL A 163 8.39 -5.95 16.71
CA VAL A 163 8.68 -4.71 16.00
C VAL A 163 7.60 -4.42 14.97
N HIS A 164 7.34 -3.14 14.77
CA HIS A 164 6.37 -2.67 13.79
C HIS A 164 6.97 -1.46 13.07
N THR A 165 7.29 -1.63 11.79
CA THR A 165 7.84 -0.54 10.96
C THR A 165 6.74 -0.21 9.97
N PHE A 166 6.26 1.02 10.04
CA PHE A 166 5.18 1.44 9.18
C PHE A 166 5.58 2.00 7.82
N PRO A 167 4.73 1.78 6.82
CA PRO A 167 4.97 2.25 5.46
C PRO A 167 5.19 3.76 5.47
N ALA A 168 6.03 4.25 4.57
CA ALA A 168 6.32 5.68 4.51
C ALA A 168 5.12 6.41 3.89
N VAL A 169 4.99 7.69 4.21
CA VAL A 169 3.91 8.51 3.68
C VAL A 169 4.46 9.91 3.37
N LEU A 170 3.85 10.58 2.39
CA LEU A 170 4.32 11.90 2.02
C LEU A 170 3.93 12.98 3.03
N GLN A 171 4.93 13.76 3.34
CA GLN A 171 4.90 14.96 4.21
C GLN A 171 4.66 16.17 3.35
N SER A 172 5.60 17.02 3.06
CA SER A 172 5.56 18.03 2.00
C SER A 172 5.66 17.25 0.67
N ASP A 173 6.74 17.20 -0.03
CA ASP A 173 7.10 16.27 -1.06
C ASP A 173 8.28 15.45 -0.57
N LEU A 174 8.30 15.30 0.76
CA LEU A 174 9.32 14.53 1.47
C LEU A 174 8.59 13.42 2.22
N TYR A 175 9.30 12.33 2.50
CA TYR A 175 8.69 11.21 3.20
C TYR A 175 8.91 11.20 4.69
N THR A 176 8.09 10.40 5.37
CA THR A 176 8.17 10.27 6.81
C THR A 176 7.66 8.88 7.20
N LEU A 177 8.43 8.22 8.05
CA LEU A 177 8.08 6.88 8.49
C LEU A 177 8.51 6.73 9.94
N SER A 178 7.99 5.71 10.62
CA SER A 178 8.35 5.49 12.01
C SER A 178 8.42 4.00 12.29
N SER A 179 8.94 3.67 13.46
CA SER A 179 9.06 2.28 13.86
C SER A 179 8.98 2.19 15.37
N SER A 180 8.36 1.12 15.84
CA SER A 180 8.23 0.89 17.27
C SER A 180 8.62 -0.55 17.57
N VAL A 181 9.29 -0.72 18.70
CA VAL A 181 9.70 -2.05 19.14
C VAL A 181 9.33 -2.14 20.62
N THR A 182 8.70 -3.24 21.02
CA THR A 182 8.32 -3.40 22.41
C THR A 182 9.06 -4.55 23.07
N VAL A 183 9.66 -4.26 24.21
CA VAL A 183 10.43 -5.24 24.97
C VAL A 183 9.97 -5.24 26.43
N THR A 184 10.40 -6.23 27.20
CA THR A 184 10.02 -6.24 28.61
C THR A 184 10.87 -5.18 29.28
N SER A 185 10.32 -4.52 30.29
CA SER A 185 11.06 -3.47 30.98
C SER A 185 12.27 -4.01 31.73
N SER A 186 12.37 -5.32 31.86
CA SER A 186 13.52 -5.93 32.51
C SER A 186 14.70 -5.75 31.57
N THR A 187 14.38 -5.64 30.28
CA THR A 187 15.39 -5.49 29.23
C THR A 187 15.85 -4.05 28.96
N TRP A 188 14.96 -3.08 29.17
CA TRP A 188 15.29 -1.68 28.93
C TRP A 188 14.89 -0.80 30.10
N PRO A 189 15.70 0.22 30.44
CA PRO A 189 16.98 0.63 29.83
C PRO A 189 18.25 -0.06 30.36
N SER A 190 18.11 -1.19 31.05
CA SER A 190 19.27 -1.90 31.59
C SER A 190 20.22 -2.24 30.44
N GLN A 191 19.65 -2.75 29.36
CA GLN A 191 20.44 -3.07 28.18
C GLN A 191 20.46 -1.88 27.24
N SER A 192 20.81 -2.14 25.99
CA SER A 192 20.90 -1.08 25.00
C SER A 192 19.95 -1.35 23.85
N ILE A 193 19.46 -0.28 23.25
CA ILE A 193 18.56 -0.34 22.11
C ILE A 193 18.75 0.90 21.25
N THR A 194 19.28 0.71 20.04
CA THR A 194 19.51 1.81 19.13
C THR A 194 18.83 1.58 17.78
N CYS A 195 18.43 2.68 17.16
CA CYS A 195 17.76 2.67 15.87
C CYS A 195 18.79 2.84 14.74
N ASN A 196 18.71 2.01 13.71
CA ASN A 196 19.63 2.08 12.58
C ASN A 196 18.85 2.45 11.33
N VAL A 197 19.08 3.66 10.85
CA VAL A 197 18.39 4.13 9.65
C VAL A 197 19.40 4.34 8.53
N ALA A 198 19.17 3.66 7.42
CA ALA A 198 20.05 3.77 6.27
C ALA A 198 19.27 4.31 5.07
N HIS A 199 19.76 5.39 4.49
CA HIS A 199 19.12 6.00 3.33
C HIS A 199 20.08 5.85 2.14
N PRO A 200 20.05 4.68 1.48
CA PRO A 200 20.91 4.38 0.32
C PRO A 200 21.05 5.45 -0.77
N ALA A 201 20.07 6.35 -0.87
CA ALA A 201 20.14 7.41 -1.88
C ALA A 201 21.12 8.52 -1.54
N SER A 202 21.32 8.79 -0.26
CA SER A 202 22.26 9.82 0.16
C SER A 202 23.45 9.15 0.86
N SER A 203 23.53 7.82 0.73
CA SER A 203 24.61 7.04 1.33
C SER A 203 24.87 7.42 2.77
N THR A 204 23.78 7.53 3.52
CA THR A 204 23.86 7.84 4.94
C THR A 204 23.19 6.71 5.71
N LYS A 205 23.76 6.39 6.89
CA LYS A 205 23.32 5.36 7.83
C LYS A 205 23.45 5.99 9.25
N VAL A 206 22.37 6.50 9.81
CA VAL A 206 22.36 7.13 11.13
C VAL A 206 21.96 6.13 12.23
N ASP A 207 22.59 6.25 13.40
CA ASP A 207 22.26 5.39 14.54
C ASP A 207 21.90 6.32 15.70
N LYS A 208 20.68 6.18 16.18
CA LYS A 208 20.18 7.01 17.28
C LYS A 208 19.71 6.04 18.35
N LYS A 209 20.28 6.11 19.54
CA LYS A 209 19.85 5.18 20.57
C LYS A 209 18.86 5.81 21.53
N ILE A 210 17.88 5.02 21.97
CA ILE A 210 16.79 5.47 22.85
C ILE A 210 17.18 5.55 24.31
N GLU A 211 17.28 6.79 24.80
CA GLU A 211 17.64 7.06 26.17
C GLU A 211 16.39 7.42 26.99
N PRO A 212 16.41 7.16 28.31
CA PRO A 212 15.22 7.48 29.09
C PRO A 212 15.13 9.01 29.07
N ARG A 213 13.94 9.56 29.26
CA ARG A 213 13.80 11.01 29.26
C ARG A 213 14.20 11.62 30.59
N ASP B 1 -20.55 3.08 -18.75
CA ASP B 1 -19.48 2.43 -17.95
C ASP B 1 -19.99 1.33 -17.04
N VAL B 2 -19.61 0.11 -17.38
CA VAL B 2 -19.98 -1.07 -16.63
C VAL B 2 -19.21 -1.06 -15.32
N LEU B 3 -19.87 -0.83 -14.18
CA LEU B 3 -19.10 -0.87 -12.95
C LEU B 3 -19.23 -2.25 -12.35
N MET B 4 -18.12 -2.73 -11.79
CA MET B 4 -18.03 -4.04 -11.20
C MET B 4 -17.93 -3.94 -9.68
N THR B 5 -19.01 -4.31 -9.01
CA THR B 5 -19.09 -4.26 -7.55
C THR B 5 -18.77 -5.63 -6.96
N GLN B 6 -17.69 -5.75 -6.20
CA GLN B 6 -17.44 -7.04 -5.60
C GLN B 6 -17.67 -6.97 -4.10
N THR B 7 -18.11 -8.10 -3.55
CA THR B 7 -18.44 -8.21 -2.14
C THR B 7 -17.91 -9.51 -1.53
N PRO B 8 -17.24 -9.42 -0.36
CA PRO B 8 -16.93 -8.24 0.46
C PRO B 8 -15.68 -7.53 -0.01
N LEU B 9 -15.32 -6.43 0.66
CA LEU B 9 -14.12 -5.67 0.31
C LEU B 9 -12.96 -6.16 1.16
N SER B 10 -13.29 -7.02 2.13
CA SER B 10 -12.32 -7.61 3.04
C SER B 10 -12.95 -8.95 3.41
N LEU B 11 -12.16 -10.02 3.43
CA LEU B 11 -12.68 -11.34 3.75
C LEU B 11 -11.77 -12.19 4.64
N PRO B 12 -11.98 -12.17 5.98
CA PRO B 12 -11.17 -12.95 6.92
C PRO B 12 -11.56 -14.43 6.91
N VAL B 13 -10.57 -15.31 6.82
CA VAL B 13 -10.83 -16.75 6.81
C VAL B 13 -9.75 -17.47 7.59
N SER B 14 -10.02 -18.73 7.94
CA SER B 14 -9.05 -19.54 8.66
C SER B 14 -8.53 -20.51 7.63
N LEU B 15 -7.24 -20.83 7.68
CA LEU B 15 -6.68 -21.78 6.74
C LEU B 15 -7.51 -23.07 6.74
N GLY B 16 -7.91 -23.51 5.55
CA GLY B 16 -8.70 -24.72 5.45
C GLY B 16 -10.18 -24.47 5.22
N ASP B 17 -10.62 -23.25 5.50
CA ASP B 17 -12.03 -22.91 5.31
C ASP B 17 -12.34 -22.72 3.84
N GLN B 18 -13.61 -22.43 3.56
CA GLN B 18 -14.05 -22.20 2.20
C GLN B 18 -14.06 -20.68 2.05
N ALA B 19 -13.93 -20.20 0.82
CA ALA B 19 -13.94 -18.76 0.58
C ALA B 19 -14.73 -18.48 -0.67
N SER B 20 -15.68 -17.56 -0.55
CA SER B 20 -16.53 -17.19 -1.67
C SER B 20 -16.50 -15.67 -1.85
N ILE B 21 -16.25 -15.23 -3.07
CA ILE B 21 -16.20 -13.80 -3.36
C ILE B 21 -17.21 -13.47 -4.44
N SER B 22 -17.99 -12.41 -4.23
CA SER B 22 -18.98 -12.03 -5.21
C SER B 22 -18.59 -10.81 -6.03
N CYS B 23 -19.04 -10.82 -7.28
CA CYS B 23 -18.79 -9.75 -8.22
C CYS B 23 -20.00 -9.59 -9.13
N ARG B 24 -20.59 -8.42 -9.13
CA ARG B 24 -21.73 -8.18 -9.98
C ARG B 24 -21.51 -6.95 -10.83
N SER B 25 -21.84 -7.09 -12.11
CA SER B 25 -21.69 -6.01 -13.07
C SER B 25 -22.99 -5.20 -13.17
N SER B 26 -22.85 -3.87 -13.23
CA SER B 26 -24.02 -3.00 -13.32
C SER B 26 -24.81 -3.27 -14.59
N GLN B 27 -24.31 -4.19 -15.42
CA GLN B 27 -25.00 -4.53 -16.65
C GLN B 27 -24.39 -5.75 -17.37
N SER B 28 -25.16 -6.33 -18.28
CA SER B 28 -24.73 -7.50 -19.03
C SER B 28 -23.33 -7.34 -19.64
N ILE B 29 -22.50 -8.38 -19.49
CA ILE B 29 -21.14 -8.35 -20.05
C ILE B 29 -20.92 -9.41 -21.12
N VAL B 30 -21.95 -9.67 -21.91
CA VAL B 30 -21.85 -10.62 -22.99
C VAL B 30 -21.25 -9.76 -24.09
N HIS B 31 -20.12 -10.18 -24.64
CA HIS B 31 -19.47 -9.42 -25.69
C HIS B 31 -20.22 -9.66 -27.00
N SER B 32 -20.14 -8.71 -27.93
CA SER B 32 -20.82 -8.83 -29.20
C SER B 32 -20.56 -10.18 -29.89
N ASN B 33 -19.37 -10.74 -29.67
CA ASN B 33 -19.01 -12.02 -30.30
C ASN B 33 -19.61 -13.26 -29.64
N GLY B 34 -20.34 -13.09 -28.54
CA GLY B 34 -20.96 -14.22 -27.89
C GLY B 34 -20.27 -14.76 -26.64
N ASN B 35 -19.05 -14.29 -26.37
CA ASN B 35 -18.33 -14.76 -25.18
C ASN B 35 -18.53 -13.79 -24.03
N THR B 36 -18.24 -14.27 -22.82
CA THR B 36 -18.34 -13.46 -21.62
C THR B 36 -16.95 -13.32 -21.02
N TYR B 37 -16.32 -12.18 -21.23
CA TYR B 37 -14.99 -11.97 -20.73
C TYR B 37 -14.88 -11.50 -19.28
N LEU B 38 -15.24 -12.39 -18.34
CA LEU B 38 -15.15 -12.09 -16.92
C LEU B 38 -13.97 -12.85 -16.38
N GLU B 39 -13.04 -12.13 -15.75
CA GLU B 39 -11.83 -12.74 -15.23
C GLU B 39 -11.61 -12.45 -13.78
N TRP B 40 -10.80 -13.29 -13.16
CA TRP B 40 -10.47 -13.14 -11.75
C TRP B 40 -8.97 -13.10 -11.57
N TYR B 41 -8.49 -12.12 -10.81
CA TYR B 41 -7.07 -11.99 -10.56
C TYR B 41 -6.73 -12.00 -9.09
N LEU B 42 -5.52 -12.45 -8.80
CA LEU B 42 -5.00 -12.49 -7.44
C LEU B 42 -3.70 -11.74 -7.49
N GLN B 43 -3.53 -10.76 -6.62
CA GLN B 43 -2.30 -10.00 -6.62
C GLN B 43 -1.69 -9.90 -5.24
N LYS B 44 -0.40 -10.21 -5.16
CA LYS B 44 0.33 -10.16 -3.91
C LYS B 44 1.19 -8.91 -3.87
N PRO B 45 1.46 -8.39 -2.66
CA PRO B 45 2.27 -7.18 -2.46
C PRO B 45 3.54 -7.20 -3.30
N GLY B 46 3.82 -6.09 -3.99
CA GLY B 46 5.01 -5.98 -4.80
C GLY B 46 5.06 -6.88 -6.03
N GLN B 47 3.92 -7.43 -6.43
CA GLN B 47 3.85 -8.29 -7.60
C GLN B 47 2.78 -7.78 -8.55
N SER B 48 2.73 -8.38 -9.73
CA SER B 48 1.75 -8.02 -10.73
C SER B 48 0.60 -9.03 -10.59
N PRO B 49 -0.63 -8.64 -11.00
CA PRO B 49 -1.78 -9.55 -10.90
C PRO B 49 -1.56 -10.83 -11.69
N LYS B 50 -2.05 -11.94 -11.16
CA LYS B 50 -1.90 -13.20 -11.88
C LYS B 50 -3.29 -13.68 -12.22
N LEU B 51 -3.51 -14.07 -13.46
CA LEU B 51 -4.83 -14.55 -13.87
C LEU B 51 -5.13 -15.90 -13.24
N LEU B 52 -6.36 -16.06 -12.78
CA LEU B 52 -6.81 -17.31 -12.14
C LEU B 52 -7.90 -17.94 -12.98
N ILE B 53 -8.89 -17.12 -13.33
CA ILE B 53 -10.05 -17.54 -14.11
C ILE B 53 -10.35 -16.57 -15.25
N TYR B 54 -10.65 -17.11 -16.43
CA TYR B 54 -11.02 -16.29 -17.58
C TYR B 54 -12.28 -16.85 -18.22
N LYS B 55 -13.06 -15.99 -18.85
CA LYS B 55 -14.30 -16.42 -19.46
C LYS B 55 -15.20 -17.14 -18.49
N VAL B 56 -15.33 -16.53 -17.29
CA VAL B 56 -16.26 -16.90 -16.25
C VAL B 56 -15.81 -18.09 -15.44
N SER B 57 -15.48 -19.20 -16.05
CA SER B 57 -15.24 -20.42 -15.24
C SER B 57 -14.10 -21.25 -15.77
N ASN B 58 -13.22 -20.66 -16.54
CA ASN B 58 -12.09 -21.41 -17.08
C ASN B 58 -10.81 -21.12 -16.30
N ARG B 59 -10.16 -22.16 -15.77
CA ARG B 59 -8.92 -21.98 -15.03
C ARG B 59 -7.74 -21.81 -15.98
N PHE B 60 -6.86 -20.87 -15.65
CA PHE B 60 -5.67 -20.61 -16.45
C PHE B 60 -4.62 -21.65 -16.10
N SER B 61 -3.71 -21.90 -17.04
CA SER B 61 -2.64 -22.88 -16.84
C SER B 61 -1.91 -22.71 -15.52
N GLY B 62 -1.74 -23.82 -14.80
CA GLY B 62 -1.03 -23.80 -13.54
C GLY B 62 -1.83 -23.41 -12.31
N VAL B 63 -3.08 -23.02 -12.51
CA VAL B 63 -3.93 -22.63 -11.40
C VAL B 63 -4.57 -23.86 -10.75
N PRO B 64 -4.37 -24.02 -9.44
CA PRO B 64 -4.90 -25.13 -8.64
C PRO B 64 -6.41 -25.23 -8.80
N ASP B 65 -6.94 -26.45 -8.88
CA ASP B 65 -8.37 -26.60 -9.08
C ASP B 65 -9.28 -26.41 -7.87
N ARG B 66 -8.76 -25.87 -6.77
CA ARG B 66 -9.60 -25.60 -5.62
C ARG B 66 -10.21 -24.22 -5.86
N PHE B 67 -9.78 -23.63 -6.98
CA PHE B 67 -10.28 -22.33 -7.43
C PHE B 67 -11.27 -22.68 -8.54
N SER B 68 -12.48 -22.15 -8.48
CA SER B 68 -13.45 -22.41 -9.53
C SER B 68 -14.25 -21.13 -9.66
N GLY B 69 -14.77 -20.85 -10.84
CA GLY B 69 -15.55 -19.63 -11.02
C GLY B 69 -16.89 -19.98 -11.62
N SER B 70 -17.90 -19.16 -11.37
CA SER B 70 -19.21 -19.43 -11.92
C SER B 70 -20.08 -18.19 -11.94
N GLY B 71 -21.32 -18.37 -12.39
CA GLY B 71 -22.26 -17.28 -12.45
C GLY B 71 -22.65 -17.02 -13.88
N SER B 72 -23.47 -16.00 -14.11
CA SER B 72 -23.88 -15.71 -15.46
C SER B 72 -24.58 -14.37 -15.57
N GLY B 73 -24.54 -13.82 -16.78
CA GLY B 73 -25.17 -12.54 -17.06
C GLY B 73 -24.70 -11.35 -16.25
N THR B 74 -25.15 -11.26 -15.01
CA THR B 74 -24.80 -10.15 -14.14
C THR B 74 -24.21 -10.56 -12.79
N ASP B 75 -24.34 -11.83 -12.43
CA ASP B 75 -23.85 -12.31 -11.15
C ASP B 75 -22.73 -13.35 -11.27
N PHE B 76 -21.58 -13.06 -10.69
CA PHE B 76 -20.44 -13.98 -10.75
C PHE B 76 -19.84 -14.25 -9.41
N THR B 77 -19.31 -15.45 -9.25
CA THR B 77 -18.74 -15.86 -7.99
C THR B 77 -17.46 -16.66 -8.14
N LEU B 78 -16.50 -16.39 -7.27
CA LEU B 78 -15.24 -17.13 -7.26
C LEU B 78 -15.24 -17.88 -5.93
N LYS B 79 -14.89 -19.16 -5.97
CA LYS B 79 -14.87 -19.98 -4.75
C LYS B 79 -13.57 -20.72 -4.56
N ILE B 80 -13.06 -20.68 -3.34
CA ILE B 80 -11.83 -21.38 -2.99
C ILE B 80 -12.28 -22.45 -1.99
N SER B 81 -12.39 -23.70 -2.45
CA SER B 81 -12.82 -24.80 -1.60
C SER B 81 -12.10 -24.89 -0.26
N ARG B 82 -10.78 -24.75 -0.27
CA ARG B 82 -10.03 -24.77 0.99
C ARG B 82 -8.76 -23.92 0.89
N VAL B 83 -8.82 -22.76 1.53
CA VAL B 83 -7.76 -21.75 1.55
C VAL B 83 -6.39 -22.16 2.09
N GLU B 84 -5.36 -21.96 1.27
CA GLU B 84 -3.98 -22.25 1.66
C GLU B 84 -3.29 -20.88 1.88
N ALA B 85 -2.05 -20.87 2.35
CA ALA B 85 -1.38 -19.61 2.61
C ALA B 85 -0.92 -18.85 1.35
N GLU B 86 -0.70 -19.57 0.26
CA GLU B 86 -0.28 -18.91 -0.97
C GLU B 86 -1.50 -18.23 -1.59
N ASP B 87 -2.66 -18.39 -0.96
CA ASP B 87 -3.88 -17.79 -1.47
C ASP B 87 -4.17 -16.40 -0.94
N LEU B 88 -3.50 -16.00 0.13
CA LEU B 88 -3.71 -14.69 0.72
C LEU B 88 -3.24 -13.57 -0.23
N GLY B 89 -4.03 -12.51 -0.33
CA GLY B 89 -3.70 -11.40 -1.21
C GLY B 89 -4.97 -10.70 -1.64
N VAL B 90 -4.88 -9.87 -2.68
CA VAL B 90 -6.04 -9.14 -3.17
C VAL B 90 -6.57 -9.75 -4.45
N TYR B 91 -7.88 -10.00 -4.49
CA TYR B 91 -8.57 -10.59 -5.63
C TYR B 91 -9.31 -9.50 -6.39
N TYR B 92 -9.39 -9.65 -7.69
CA TYR B 92 -10.10 -8.69 -8.50
C TYR B 92 -10.94 -9.41 -9.52
N CYS B 93 -12.13 -8.96 -9.78
CA CYS B 93 -12.85 -9.51 -10.97
C CYS B 93 -12.65 -8.45 -12.07
N PHE B 94 -12.73 -8.86 -13.31
CA PHE B 94 -12.49 -7.92 -14.41
C PHE B 94 -13.38 -8.30 -15.55
N GLN B 95 -13.79 -7.30 -16.32
CA GLN B 95 -14.61 -7.54 -17.50
C GLN B 95 -13.93 -6.92 -18.70
N GLY B 96 -13.78 -7.70 -19.77
CA GLY B 96 -13.13 -7.20 -20.96
C GLY B 96 -14.08 -7.28 -22.11
N SER B 97 -15.37 -7.18 -21.82
CA SER B 97 -16.38 -7.25 -22.86
C SER B 97 -16.79 -5.90 -23.42
N HIS B 98 -16.86 -4.88 -22.57
CA HIS B 98 -17.26 -3.55 -23.01
C HIS B 98 -16.28 -2.48 -22.58
N VAL B 99 -15.82 -1.67 -23.55
CA VAL B 99 -14.89 -0.60 -23.24
C VAL B 99 -15.72 0.55 -22.64
N PRO B 100 -15.20 1.22 -21.60
CA PRO B 100 -13.89 0.94 -21.03
C PRO B 100 -13.90 -0.33 -20.14
N LEU B 101 -12.89 -1.17 -20.32
CA LEU B 101 -12.80 -2.39 -19.53
C LEU B 101 -12.65 -1.95 -18.08
N THR B 102 -13.23 -2.71 -17.16
CA THR B 102 -13.16 -2.34 -15.76
C THR B 102 -12.93 -3.51 -14.79
N PHE B 103 -12.32 -3.16 -13.66
CA PHE B 103 -12.00 -4.11 -12.60
C PHE B 103 -12.90 -3.83 -11.42
N GLY B 104 -13.01 -4.81 -10.54
CA GLY B 104 -13.78 -4.63 -9.32
C GLY B 104 -12.84 -3.91 -8.38
N ALA B 105 -13.33 -3.45 -7.24
CA ALA B 105 -12.47 -2.72 -6.31
C ALA B 105 -11.46 -3.58 -5.56
N GLY B 106 -11.61 -4.90 -5.64
CA GLY B 106 -10.69 -5.78 -4.95
C GLY B 106 -11.17 -6.28 -3.61
N THR B 107 -10.83 -7.52 -3.28
CA THR B 107 -11.21 -8.14 -2.01
C THR B 107 -9.96 -8.70 -1.38
N LYS B 108 -9.58 -8.18 -0.21
CA LYS B 108 -8.38 -8.69 0.44
C LYS B 108 -8.71 -9.89 1.30
N LEU B 109 -8.14 -11.03 0.96
CA LEU B 109 -8.34 -12.27 1.70
C LEU B 109 -7.23 -12.27 2.75
N GLU B 110 -7.63 -12.10 4.01
CA GLU B 110 -6.70 -12.07 5.14
C GLU B 110 -7.02 -13.18 6.15
N LEU B 111 -6.25 -13.25 7.24
CA LEU B 111 -6.46 -14.29 8.24
C LEU B 111 -7.33 -13.92 9.43
N LYS B 112 -8.12 -14.90 9.87
CA LYS B 112 -9.00 -14.74 11.02
C LYS B 112 -8.18 -15.06 12.27
N ARG B 113 -8.53 -14.44 13.39
CA ARG B 113 -7.90 -14.68 14.68
C ARG B 113 -8.77 -14.05 15.76
N ALA B 114 -8.37 -14.15 17.01
CA ALA B 114 -9.17 -13.60 18.10
C ALA B 114 -9.07 -12.08 18.21
N ASP B 115 -10.20 -11.44 18.50
CA ASP B 115 -10.23 -9.99 18.66
C ASP B 115 -9.18 -9.66 19.71
N ALA B 116 -8.54 -8.48 19.56
CA ALA B 116 -7.52 -8.04 20.51
C ALA B 116 -7.50 -6.52 20.49
N ALA B 117 -7.55 -5.90 21.65
CA ALA B 117 -7.53 -4.45 21.74
C ALA B 117 -6.11 -3.95 21.44
N PRO B 118 -5.99 -2.68 21.01
CA PRO B 118 -4.68 -2.12 20.68
C PRO B 118 -3.90 -1.66 21.90
N THR B 119 -2.59 -1.89 21.87
CA THR B 119 -1.68 -1.40 22.94
C THR B 119 -1.21 -0.01 22.48
N VAL B 120 -1.74 0.97 23.22
CA VAL B 120 -1.59 2.37 22.84
C VAL B 120 -0.40 2.98 23.56
N SER B 121 0.52 3.54 22.81
CA SER B 121 1.68 4.26 23.35
C SER B 121 1.79 5.69 22.77
N ILE B 122 2.04 6.69 23.60
CA ILE B 122 2.20 8.06 23.13
C ILE B 122 3.61 8.57 23.44
N PHE B 123 4.19 9.32 22.51
CA PHE B 123 5.54 9.83 22.67
C PHE B 123 5.70 11.33 22.42
N PRO B 124 6.14 12.08 23.44
CA PRO B 124 6.32 13.52 23.27
C PRO B 124 7.48 13.76 22.31
N PRO B 125 7.62 14.99 21.78
CA PRO B 125 8.73 15.27 20.87
C PRO B 125 10.08 15.02 21.53
N SER B 126 11.04 14.48 20.78
CA SER B 126 12.37 14.23 21.33
C SER B 126 13.09 15.56 21.53
N SER B 127 14.01 15.61 22.49
CA SER B 127 14.76 16.83 22.75
C SER B 127 15.42 17.30 21.45
N GLU B 128 15.95 16.36 20.67
CA GLU B 128 16.60 16.69 19.41
C GLU B 128 15.72 17.47 18.45
N GLN B 129 14.55 16.91 18.13
CA GLN B 129 13.66 17.59 17.21
C GLN B 129 13.23 18.96 17.74
N LEU B 130 13.07 19.08 19.05
CA LEU B 130 12.67 20.35 19.64
C LEU B 130 13.79 21.37 19.49
N THR B 131 15.04 20.93 19.58
CA THR B 131 16.17 21.82 19.44
C THR B 131 16.18 22.32 17.99
N SER B 132 15.73 21.46 17.08
CA SER B 132 15.68 21.81 15.65
C SER B 132 14.47 22.66 15.28
N GLY B 133 13.68 23.03 16.27
CA GLY B 133 12.52 23.88 16.01
C GLY B 133 11.22 23.19 15.63
N GLY B 134 11.23 21.86 15.54
CA GLY B 134 10.03 21.15 15.19
C GLY B 134 9.46 20.40 16.38
N ALA B 135 8.21 19.97 16.29
CA ALA B 135 7.60 19.23 17.39
C ALA B 135 6.57 18.22 16.92
N SER B 136 6.98 16.95 16.91
CA SER B 136 6.11 15.88 16.49
C SER B 136 5.67 15.07 17.70
N VAL B 137 4.38 14.76 17.78
CA VAL B 137 3.85 13.95 18.88
C VAL B 137 3.44 12.63 18.23
N VAL B 138 3.98 11.52 18.71
CA VAL B 138 3.68 10.23 18.12
C VAL B 138 2.80 9.35 19.01
N CYS B 139 1.95 8.56 18.38
CA CYS B 139 1.05 7.65 19.10
C CYS B 139 0.94 6.34 18.31
N PHE B 140 1.43 5.26 18.92
CA PHE B 140 1.38 3.94 18.28
C PHE B 140 0.18 3.14 18.78
N LEU B 141 -0.56 2.50 17.86
CA LEU B 141 -1.71 1.63 18.20
C LEU B 141 -1.42 0.22 17.73
N ASN B 142 -0.88 -0.63 18.62
CA ASN B 142 -0.37 -1.88 18.11
C ASN B 142 -1.17 -3.10 18.49
N ASN B 143 -1.07 -4.10 17.59
CA ASN B 143 -1.45 -5.50 17.87
C ASN B 143 -2.90 -5.65 18.16
N PHE B 144 -3.68 -5.05 17.23
CA PHE B 144 -5.15 -5.14 17.41
C PHE B 144 -5.79 -5.98 16.33
N TYR B 145 -7.02 -6.42 16.57
CA TYR B 145 -7.80 -7.18 15.59
C TYR B 145 -9.28 -7.05 15.95
N PRO B 146 -10.15 -6.81 14.96
CA PRO B 146 -9.87 -6.63 13.52
C PRO B 146 -9.20 -5.31 13.13
N LYS B 147 -8.91 -5.16 11.83
CA LYS B 147 -8.19 -3.99 11.31
C LYS B 147 -8.82 -2.60 11.35
N ASP B 148 -10.15 -2.50 11.31
CA ASP B 148 -10.76 -1.18 11.35
C ASP B 148 -10.51 -0.52 12.69
N ILE B 149 -10.06 0.73 12.64
CA ILE B 149 -9.77 1.47 13.84
C ILE B 149 -9.77 2.97 13.54
N ASN B 150 -9.82 3.79 14.58
CA ASN B 150 -9.83 5.24 14.41
C ASN B 150 -9.13 5.93 15.55
N VAL B 151 -8.26 6.86 15.20
CA VAL B 151 -7.53 7.60 16.19
C VAL B 151 -7.99 9.04 16.13
N LYS B 152 -8.06 9.67 17.30
CA LYS B 152 -8.50 11.05 17.40
C LYS B 152 -7.57 11.81 18.34
N TRP B 153 -7.11 12.98 17.91
CA TRP B 153 -6.22 13.78 18.74
C TRP B 153 -6.95 14.96 19.36
N LYS B 154 -6.58 15.30 20.59
CA LYS B 154 -7.17 16.42 21.30
C LYS B 154 -6.04 17.18 21.99
N ILE B 155 -5.93 18.47 21.67
CA ILE B 155 -4.91 19.35 22.26
C ILE B 155 -5.66 20.29 23.19
N ASP B 156 -5.41 20.17 24.50
CA ASP B 156 -6.12 21.01 25.47
C ASP B 156 -7.62 20.87 25.22
N GLY B 157 -8.06 19.63 25.00
CA GLY B 157 -9.45 19.35 24.76
C GLY B 157 -9.97 19.57 23.35
N SER B 158 -9.22 20.33 22.54
CA SER B 158 -9.63 20.65 21.17
C SER B 158 -9.30 19.55 20.15
N GLU B 159 -10.30 19.09 19.40
CA GLU B 159 -10.06 18.05 18.40
C GLU B 159 -9.19 18.60 17.29
N ARG B 160 -8.18 17.83 16.90
CA ARG B 160 -7.22 18.25 15.90
C ARG B 160 -6.97 17.21 14.80
N GLN B 161 -7.11 17.62 13.54
CA GLN B 161 -6.84 16.75 12.41
C GLN B 161 -5.76 17.35 11.50
N ASN B 162 -5.68 18.68 11.46
CA ASN B 162 -4.67 19.36 10.65
C ASN B 162 -3.27 19.04 11.17
N GLY B 163 -2.46 18.39 10.35
CA GLY B 163 -1.10 18.06 10.75
C GLY B 163 -0.92 16.63 11.25
N VAL B 164 -1.95 15.81 11.06
CA VAL B 164 -1.91 14.42 11.50
C VAL B 164 -1.64 13.48 10.32
N LEU B 165 -0.57 12.69 10.40
CA LEU B 165 -0.26 11.75 9.34
C LEU B 165 -0.31 10.30 9.84
N ASN B 166 -1.17 9.49 9.22
CA ASN B 166 -1.33 8.10 9.63
C ASN B 166 -0.71 7.10 8.66
N SER B 167 -0.35 5.94 9.19
CA SER B 167 0.21 4.85 8.41
C SER B 167 -0.24 3.54 9.03
N TRP B 168 -0.58 2.56 8.19
CA TRP B 168 -1.05 1.27 8.67
C TRP B 168 -0.18 0.10 8.17
N THR B 169 0.11 -0.84 9.06
CA THR B 169 0.91 -2.00 8.65
C THR B 169 0.03 -3.08 8.06
N ASP B 170 0.62 -3.99 7.30
CA ASP B 170 -0.10 -5.11 6.70
C ASP B 170 -0.31 -6.09 7.83
N GLN B 171 -1.17 -7.08 7.61
CA GLN B 171 -1.41 -8.09 8.64
C GLN B 171 -0.06 -8.68 9.07
N ASP B 172 0.20 -8.71 10.37
CA ASP B 172 1.46 -9.24 10.88
C ASP B 172 1.66 -10.69 10.40
N SER B 173 2.90 -11.03 10.08
CA SER B 173 3.19 -12.38 9.58
C SER B 173 3.21 -13.43 10.70
N LYS B 174 3.45 -12.98 11.93
CA LYS B 174 3.51 -13.90 13.06
C LYS B 174 2.23 -14.08 13.88
N ASP B 175 1.63 -12.99 14.33
CA ASP B 175 0.41 -13.06 15.15
C ASP B 175 -0.90 -12.62 14.50
N SER B 176 -0.86 -12.29 13.22
CA SER B 176 -2.07 -11.88 12.50
C SER B 176 -2.83 -10.63 12.99
N THR B 177 -2.16 -9.74 13.71
CA THR B 177 -2.81 -8.52 14.17
C THR B 177 -2.40 -7.37 13.27
N TYR B 178 -3.01 -6.22 13.51
CA TYR B 178 -2.72 -5.02 12.72
C TYR B 178 -2.21 -3.96 13.66
N SER B 179 -1.51 -2.99 13.09
CA SER B 179 -0.98 -1.89 13.86
C SER B 179 -1.16 -0.58 13.13
N MET B 180 -0.84 0.52 13.80
CA MET B 180 -1.00 1.82 13.20
C MET B 180 -0.19 2.85 13.95
N SER B 181 0.34 3.83 13.22
CA SER B 181 1.08 4.93 13.83
C SER B 181 0.38 6.20 13.39
N SER B 182 0.20 7.12 14.33
CA SER B 182 -0.46 8.40 14.05
C SER B 182 0.54 9.44 14.56
N THR B 183 0.89 10.40 13.72
CA THR B 183 1.85 11.41 14.11
C THR B 183 1.33 12.82 13.88
N LEU B 184 1.38 13.63 14.93
CA LEU B 184 0.93 15.03 14.87
C LEU B 184 2.16 15.91 14.88
N THR B 185 2.34 16.68 13.80
CA THR B 185 3.48 17.58 13.69
C THR B 185 3.10 19.04 13.80
N LEU B 186 3.69 19.73 14.77
CA LEU B 186 3.43 21.14 14.98
C LEU B 186 4.81 21.78 15.00
N THR B 187 4.87 23.09 15.12
CA THR B 187 6.16 23.74 15.23
C THR B 187 6.37 23.84 16.74
N LYS B 188 7.61 24.00 17.17
CA LYS B 188 7.92 24.12 18.59
C LYS B 188 7.12 25.27 19.20
N ASP B 189 7.08 26.40 18.49
CA ASP B 189 6.34 27.58 18.94
C ASP B 189 4.92 27.15 19.32
N GLU B 190 4.24 26.60 18.33
CA GLU B 190 2.87 26.13 18.49
C GLU B 190 2.78 25.09 19.60
N TYR B 191 3.72 24.15 19.60
CA TYR B 191 3.76 23.08 20.61
C TYR B 191 3.80 23.64 22.01
N GLU B 192 4.47 24.78 22.18
CA GLU B 192 4.62 25.39 23.50
C GLU B 192 3.46 26.25 23.97
N ARG B 193 2.48 26.49 23.10
CA ARG B 193 1.34 27.28 23.48
C ARG B 193 0.27 26.35 24.06
N HIS B 194 0.63 25.08 24.26
CA HIS B 194 -0.31 24.09 24.77
C HIS B 194 0.29 23.11 25.77
N ASN B 195 -0.58 22.47 26.55
CA ASN B 195 -0.09 21.55 27.56
C ASN B 195 -0.48 20.08 27.43
N SER B 196 -1.78 19.79 27.27
CA SER B 196 -2.19 18.39 27.19
C SER B 196 -2.36 17.86 25.76
N TYR B 197 -1.66 16.77 25.48
CA TYR B 197 -1.74 16.15 24.17
C TYR B 197 -2.36 14.77 24.34
N THR B 198 -3.44 14.53 23.60
CA THR B 198 -4.15 13.28 23.76
C THR B 198 -4.51 12.53 22.50
N CYS B 199 -4.32 11.21 22.51
CA CYS B 199 -4.70 10.39 21.39
C CYS B 199 -5.65 9.30 21.86
N GLU B 200 -6.86 9.34 21.33
CA GLU B 200 -7.90 8.38 21.66
C GLU B 200 -8.05 7.40 20.53
N ALA B 201 -8.20 6.13 20.90
CA ALA B 201 -8.37 5.08 19.91
C ALA B 201 -9.67 4.35 20.16
N THR B 202 -10.58 4.37 19.19
CA THR B 202 -11.82 3.64 19.36
C THR B 202 -11.69 2.45 18.44
N HIS B 203 -11.87 1.26 19.02
CA HIS B 203 -11.75 0.00 18.29
C HIS B 203 -12.98 -0.81 18.68
N LYS B 204 -13.41 -1.69 17.79
CA LYS B 204 -14.59 -2.50 18.03
C LYS B 204 -14.58 -3.34 19.30
N THR B 205 -13.40 -3.56 19.88
CA THR B 205 -13.32 -4.34 21.11
C THR B 205 -13.77 -3.54 22.32
N SER B 206 -14.39 -2.39 22.07
CA SER B 206 -14.87 -1.56 23.17
C SER B 206 -15.57 -0.29 22.69
N THR B 207 -16.67 0.06 23.36
CA THR B 207 -17.43 1.26 23.02
C THR B 207 -16.76 2.47 23.65
N SER B 208 -15.84 2.21 24.57
CA SER B 208 -15.13 3.29 25.25
C SER B 208 -13.75 3.49 24.65
N PRO B 209 -13.42 4.73 24.26
CA PRO B 209 -12.12 5.03 23.67
C PRO B 209 -10.96 4.78 24.63
N ILE B 210 -9.91 4.16 24.12
CA ILE B 210 -8.70 3.93 24.92
C ILE B 210 -7.96 5.24 24.76
N VAL B 211 -7.74 5.97 25.85
CA VAL B 211 -7.08 7.26 25.74
C VAL B 211 -5.73 7.35 26.47
N LYS B 212 -4.71 7.79 25.74
CA LYS B 212 -3.36 7.97 26.30
C LYS B 212 -3.11 9.48 26.25
N SER B 213 -2.40 10.02 27.22
CA SER B 213 -2.18 11.46 27.23
C SER B 213 -1.01 11.92 28.11
N PHE B 214 -0.52 13.13 27.86
CA PHE B 214 0.58 13.66 28.68
C PHE B 214 0.48 15.16 28.72
N ASN B 215 0.97 15.75 29.81
CA ASN B 215 1.00 17.20 29.97
C ASN B 215 2.40 17.65 29.66
N ARG B 216 2.52 18.56 28.71
CA ARG B 216 3.83 19.03 28.32
C ARG B 216 4.71 19.49 29.45
N ASN B 217 4.22 20.36 30.33
CA ASN B 217 5.02 20.92 31.41
C ASN B 217 5.24 20.00 32.61
N GLU B 218 5.23 18.69 32.36
CA GLU B 218 5.51 17.71 33.40
C GLU B 218 6.75 16.94 32.93
#